data_5EMC
#
_entry.id   5EMC
#
_cell.length_a   38.942
_cell.length_b   99.643
_cell.length_c   112.229
_cell.angle_alpha   90.000
_cell.angle_beta   90.000
_cell.angle_gamma   90.000
#
_symmetry.space_group_name_H-M   'P 21 21 21'
#
loop_
_entity.id
_entity.type
_entity.pdbx_description
1 polymer "DNA (5'-D(*CP*CP*AP*GP*AP*AP*(5CM)P*AP*TP*CP*AP*TP*GP*TP*TP*(5CM)P*TP*G)-3')"
2 polymer 'Glucocorticoid receptor'
3 polymer "DNA (5'-D(*CP*CP*AP*GP*AP*AP*(5CM)P*AP*TP*GP*AP*TP*GP*TP*TP*(5CM)P*TP*G)-3')"
4 non-polymer 'ZINC ION'
5 water water
#
loop_
_entity_poly.entity_id
_entity_poly.type
_entity_poly.pdbx_seq_one_letter_code
_entity_poly.pdbx_strand_id
1 'polydeoxyribonucleotide' (DC)(DC)(DA)(DG)(DA)(DA)(5CM)(DA)(DT)(DC)(DA)(DT)(DG)(DT)(DT)(5CM)(DT)(DG) C
2 'polypeptide(L)'
;GSHMTATTGPPPKLCLVCSDEASGCHYGVLTCGSCKVFFKRAVEGQHNYLCAGRNDCIIDKIRRKNCPACRYRKCLQAGM
NLEARKTKKKIKGI
;
A,B
3 'polydeoxyribonucleotide' (DC)(DC)(DA)(DG)(DA)(DA)(5CM)(DA)(DT)(DG)(DA)(DT)(DG)(DT)(DT)(5CM)(DT)(DG) D
#
loop_
_chem_comp.id
_chem_comp.type
_chem_comp.name
_chem_comp.formula
5CM DNA linking 5-METHYL-2'-DEOXY-CYTIDINE-5'-MONOPHOSPHATE 'C10 H16 N3 O7 P'
DA DNA linking 2'-DEOXYADENOSINE-5'-MONOPHOSPHATE 'C10 H14 N5 O6 P'
DC DNA linking 2'-DEOXYCYTIDINE-5'-MONOPHOSPHATE 'C9 H14 N3 O7 P'
DG DNA linking 2'-DEOXYGUANOSINE-5'-MONOPHOSPHATE 'C10 H14 N5 O7 P'
DT DNA linking THYMIDINE-5'-MONOPHOSPHATE 'C10 H15 N2 O8 P'
ZN non-polymer 'ZINC ION' 'Zn 2'
#
# COMPACT_ATOMS: atom_id res chain seq x y z
N1 5CM A 7 14.66 12.24 12.59
C2 5CM A 7 13.46 11.40 12.51
N3 5CM A 7 12.45 11.67 11.50
C4 5CM A 7 12.61 12.73 10.58
C5 5CM A 7 13.80 13.58 10.66
C5A 5CM A 7 13.95 14.72 9.69
C6 5CM A 7 14.82 13.33 11.68
O2 5CM A 7 13.33 10.49 13.29
N4 5CM A 7 11.63 13.00 9.60
C1' 5CM A 7 15.53 12.01 13.53
C2' 5CM A 7 16.95 11.68 13.07
C3' 5CM A 7 17.74 12.19 14.00
C4' 5CM A 7 16.85 13.19 14.92
O4' 5CM A 7 15.71 13.33 14.35
O3' 5CM A 7 18.25 11.21 14.92
C5' 5CM A 7 17.54 14.53 15.09
O5' 5CM A 7 17.83 15.07 13.84
P 5CM A 7 18.01 16.64 13.73
OP1 5CM A 7 19.23 17.08 14.49
OP2 5CM A 7 18.07 17.10 12.30
N1 5CM A 16 25.07 -0.59 -11.85
C2 5CM A 16 24.89 -1.93 -11.28
N3 5CM A 16 23.87 -2.83 -11.82
C4 5CM A 16 23.05 -2.42 -12.89
C5 5CM A 16 23.22 -1.10 -13.47
C5A 5CM A 16 22.34 -0.68 -14.62
C6 5CM A 16 24.24 -0.19 -12.94
O2 5CM A 16 25.58 -2.29 -10.35
N4 5CM A 16 22.06 -3.29 -13.43
C1' 5CM A 16 25.97 0.21 -11.34
C2' 5CM A 16 27.26 0.38 -12.16
C3' 5CM A 16 27.72 1.57 -11.78
C4' 5CM A 16 26.50 2.38 -11.06
O4' 5CM A 16 25.43 1.68 -11.27
O3' 5CM A 16 28.79 1.46 -10.81
C5' 5CM A 16 26.37 3.76 -11.61
O5' 5CM A 16 26.03 3.72 -12.98
P 5CM A 16 25.07 4.82 -13.55
OP1 5CM A 16 25.71 6.19 -13.51
OP2 5CM A 16 24.56 4.49 -14.94
N LYS B 13 -7.93 4.07 24.61
CA LYS B 13 -6.70 3.30 24.55
C LYS B 13 -6.33 2.97 23.10
N LEU B 14 -7.33 2.88 22.24
CA LEU B 14 -7.11 2.46 20.86
C LEU B 14 -7.37 3.57 19.86
N CYS B 15 -6.39 3.79 18.98
CA CYS B 15 -6.51 4.70 17.86
C CYS B 15 -7.80 4.44 17.09
N LEU B 16 -8.58 5.49 16.87
CA LEU B 16 -9.87 5.36 16.20
C LEU B 16 -9.68 5.06 14.72
N VAL B 17 -8.49 5.38 14.22
CA VAL B 17 -8.21 5.22 12.80
C VAL B 17 -7.66 3.83 12.52
N CYS B 18 -6.63 3.40 13.24
CA CYS B 18 -5.99 2.13 12.92
C CYS B 18 -6.05 1.08 14.03
N SER B 19 -6.62 1.45 15.18
CA SER B 19 -6.78 0.54 16.32
C SER B 19 -5.45 0.13 16.94
N ASP B 20 -4.37 0.78 16.52
CA ASP B 20 -3.13 0.69 17.27
C ASP B 20 -3.30 1.43 18.59
N GLU B 21 -2.39 1.16 19.53
CA GLU B 21 -2.41 1.83 20.83
C GLU B 21 -2.26 3.35 20.67
N ALA B 22 -3.29 4.08 21.04
CA ALA B 22 -3.30 5.54 20.97
C ALA B 22 -2.33 6.14 21.97
N SER B 23 -1.99 7.40 21.77
CA SER B 23 -1.02 8.07 22.62
C SER B 23 -1.64 9.25 23.35
N GLY B 24 -2.69 9.81 22.77
CA GLY B 24 -3.39 10.94 23.37
C GLY B 24 -4.46 11.45 22.42
N CYS B 25 -5.05 12.59 22.77
CA CYS B 25 -6.09 13.16 21.93
C CYS B 25 -5.44 14.07 20.89
N HIS B 26 -5.46 13.62 19.63
CA HIS B 26 -4.78 14.34 18.56
C HIS B 26 -5.74 14.86 17.50
N TYR B 27 -5.61 16.15 17.19
CA TYR B 27 -6.42 16.84 16.18
C TYR B 27 -7.92 16.59 16.35
N GLY B 28 -8.34 16.48 17.61
CA GLY B 28 -9.74 16.34 17.95
C GLY B 28 -10.12 14.93 18.34
N VAL B 29 -9.23 13.98 18.06
CA VAL B 29 -9.58 12.57 18.14
C VAL B 29 -8.50 11.77 18.84
N LEU B 30 -8.91 10.74 19.58
CA LEU B 30 -7.95 9.79 20.12
C LEU B 30 -7.31 9.01 18.97
N THR B 31 -6.03 9.27 18.70
CA THR B 31 -5.30 8.55 17.66
C THR B 31 -3.90 8.20 18.15
N CYS B 32 -3.18 7.40 17.35
CA CYS B 32 -1.79 7.07 17.65
C CYS B 32 -0.85 8.15 17.08
N GLY B 33 0.44 8.02 17.37
CA GLY B 33 1.41 8.98 16.88
C GLY B 33 1.58 8.99 15.39
N SER B 34 1.63 7.79 14.79
CA SER B 34 1.82 7.67 13.35
C SER B 34 0.64 8.30 12.60
N CYS B 35 -0.58 8.08 13.11
CA CYS B 35 -1.77 8.66 12.50
C CYS B 35 -1.85 10.17 12.65
N LYS B 36 -1.35 10.66 13.78
CA LYS B 36 -1.31 12.09 14.02
C LYS B 36 -0.47 12.78 12.96
N VAL B 37 0.74 12.28 12.77
CA VAL B 37 1.67 12.92 11.84
C VAL B 37 1.27 12.63 10.39
N PHE B 38 0.66 11.47 10.13
CA PHE B 38 0.17 11.20 8.79
C PHE B 38 -0.90 12.22 8.43
N PHE B 39 -1.84 12.44 9.34
CA PHE B 39 -2.95 13.36 9.10
C PHE B 39 -2.48 14.78 8.80
N LYS B 40 -1.56 15.29 9.62
CA LYS B 40 -1.04 16.64 9.44
C LYS B 40 -0.35 16.78 8.10
N ARG B 41 0.51 15.81 7.77
CA ARG B 41 1.21 15.83 6.49
C ARG B 41 0.23 15.64 5.32
N ALA B 42 -0.81 14.85 5.55
CA ALA B 42 -1.85 14.69 4.54
C ALA B 42 -2.48 16.04 4.19
N VAL B 43 -3.17 16.63 5.16
CA VAL B 43 -3.81 17.95 5.01
C VAL B 43 -2.84 19.02 4.51
N GLU B 44 -1.64 19.07 5.11
CA GLU B 44 -0.68 20.14 4.80
C GLU B 44 0.32 19.77 3.70
N GLY B 45 0.00 18.74 2.93
CA GLY B 45 0.80 18.35 1.80
C GLY B 45 0.01 18.18 0.52
N GLN B 46 -1.26 17.82 0.69
CA GLN B 46 -2.23 17.68 -0.39
C GLN B 46 -1.72 16.82 -1.55
N HIS B 47 -1.31 15.59 -1.24
CA HIS B 47 -0.79 14.68 -2.25
C HIS B 47 -1.94 14.01 -3.00
N ASN B 48 -1.67 13.57 -4.23
CA ASN B 48 -2.66 12.84 -5.00
C ASN B 48 -2.71 11.38 -4.58
N TYR B 49 -3.49 11.09 -3.54
CA TYR B 49 -3.66 9.73 -3.05
C TYR B 49 -4.62 8.94 -3.92
N LEU B 50 -4.24 7.73 -4.31
CA LEU B 50 -5.11 6.87 -5.09
C LEU B 50 -5.24 5.48 -4.48
N CYS B 51 -6.48 5.10 -4.17
CA CYS B 51 -6.76 3.76 -3.66
C CYS B 51 -6.53 2.72 -4.76
N ALA B 52 -5.94 1.57 -4.39
CA ALA B 52 -5.77 0.48 -5.35
C ALA B 52 -6.99 -0.44 -5.34
N GLY B 53 -7.92 -0.19 -4.42
CA GLY B 53 -9.09 -1.05 -4.27
C GLY B 53 -10.41 -0.43 -4.66
N ARG B 54 -11.27 -0.22 -3.67
CA ARG B 54 -12.62 0.28 -3.92
C ARG B 54 -12.95 1.41 -2.96
N ASN B 55 -11.91 2.11 -2.50
CA ASN B 55 -12.05 3.19 -1.54
C ASN B 55 -12.67 2.76 -0.21
N ASP B 56 -12.45 1.50 0.19
CA ASP B 56 -12.96 1.01 1.46
C ASP B 56 -11.97 0.03 2.09
N CYS B 57 -10.69 0.32 1.94
CA CYS B 57 -9.63 -0.51 2.50
C CYS B 57 -9.69 -0.68 4.01
N ILE B 58 -9.21 -1.82 4.49
CA ILE B 58 -9.08 -2.08 5.92
C ILE B 58 -7.89 -1.28 6.43
N ILE B 59 -8.08 -0.53 7.51
CA ILE B 59 -6.99 0.24 8.07
C ILE B 59 -6.71 -0.21 9.51
N ASP B 60 -5.69 -1.05 9.66
CA ASP B 60 -5.22 -1.42 10.98
C ASP B 60 -3.73 -1.12 11.08
N LYS B 61 -3.09 -1.54 12.18
CA LYS B 61 -1.68 -1.24 12.45
C LYS B 61 -0.77 -1.55 11.26
N ILE B 62 -1.11 -2.59 10.51
CA ILE B 62 -0.31 -2.97 9.35
C ILE B 62 -0.79 -2.31 8.05
N ARG B 63 -2.06 -2.49 7.77
CA ARG B 63 -2.67 -2.10 6.50
C ARG B 63 -2.80 -0.58 6.31
N ARG B 64 -2.61 0.20 7.37
CA ARG B 64 -2.73 1.65 7.25
C ARG B 64 -1.69 2.22 6.28
N LYS B 65 -0.57 1.53 6.12
CA LYS B 65 0.48 1.98 5.20
C LYS B 65 0.15 1.68 3.74
N ASN B 66 -0.77 0.75 3.52
CA ASN B 66 -1.13 0.30 2.18
C ASN B 66 -1.83 1.39 1.38
N CYS B 67 -2.78 2.06 2.04
CA CYS B 67 -3.67 2.97 1.37
C CYS B 67 -3.82 4.31 2.10
N PRO B 68 -2.96 5.29 1.80
CA PRO B 68 -3.08 6.61 2.43
C PRO B 68 -4.39 7.33 2.04
N ALA B 69 -4.93 7.04 0.86
CA ALA B 69 -6.22 7.59 0.47
C ALA B 69 -7.33 7.19 1.43
N CYS B 70 -7.44 5.89 1.70
CA CYS B 70 -8.42 5.38 2.67
C CYS B 70 -8.08 5.77 4.09
N ARG B 71 -6.79 5.87 4.38
CA ARG B 71 -6.36 6.24 5.71
C ARG B 71 -6.74 7.68 6.02
N TYR B 72 -6.50 8.55 5.06
CA TYR B 72 -6.78 9.97 5.21
C TYR B 72 -8.28 10.19 5.24
N ARG B 73 -9.02 9.35 4.53
CA ARG B 73 -10.47 9.44 4.50
C ARG B 73 -11.05 9.04 5.86
N LYS B 74 -10.55 7.96 6.43
CA LYS B 74 -11.03 7.48 7.72
C LYS B 74 -10.70 8.46 8.85
N CYS B 75 -9.56 9.15 8.74
CA CYS B 75 -9.22 10.21 9.66
C CYS B 75 -10.32 11.26 9.68
N LEU B 76 -10.74 11.68 8.49
CA LEU B 76 -11.79 12.68 8.35
C LEU B 76 -13.11 12.17 8.93
N GLN B 77 -13.46 10.91 8.66
CA GLN B 77 -14.68 10.33 9.20
C GLN B 77 -14.67 10.27 10.73
N ALA B 78 -13.47 10.30 11.31
CA ALA B 78 -13.32 10.20 12.75
C ALA B 78 -13.45 11.56 13.43
N GLY B 79 -13.27 12.62 12.65
CA GLY B 79 -13.43 13.97 13.16
C GLY B 79 -12.14 14.76 13.32
N MET B 80 -11.06 14.28 12.75
CA MET B 80 -9.78 14.96 12.90
C MET B 80 -9.75 16.25 12.10
N ASN B 81 -9.18 17.31 12.66
CA ASN B 81 -9.09 18.60 11.99
C ASN B 81 -8.08 19.53 12.65
N LEU B 82 -8.18 20.82 12.37
CA LEU B 82 -7.21 21.82 12.80
C LEU B 82 -5.80 21.45 12.36
N PRO C 12 7.80 -1.46 -28.22
CA PRO C 12 7.87 -1.58 -26.76
C PRO C 12 7.22 -2.86 -26.23
N LYS C 13 7.49 -3.18 -24.98
CA LYS C 13 6.92 -4.37 -24.35
C LYS C 13 6.51 -4.05 -22.92
N LEU C 14 5.49 -4.74 -22.42
CA LEU C 14 4.92 -4.39 -21.13
C LEU C 14 5.25 -5.36 -20.00
N CYS C 15 5.35 -4.82 -18.79
CA CYS C 15 5.48 -5.65 -17.61
C CYS C 15 4.25 -6.53 -17.40
N LEU C 16 4.49 -7.82 -17.20
CA LEU C 16 3.41 -8.77 -17.02
C LEU C 16 2.78 -8.67 -15.62
N VAL C 17 3.34 -7.80 -14.79
CA VAL C 17 2.86 -7.62 -13.43
C VAL C 17 2.17 -6.27 -13.21
N CYS C 18 2.78 -5.20 -13.71
CA CYS C 18 2.29 -3.85 -13.41
C CYS C 18 2.02 -3.01 -14.68
N SER C 19 2.32 -3.58 -15.84
CA SER C 19 2.01 -2.98 -17.15
C SER C 19 2.84 -1.74 -17.46
N ASP C 20 3.89 -1.53 -16.68
CA ASP C 20 4.86 -0.50 -17.04
C ASP C 20 5.76 -1.06 -18.15
N GLU C 21 6.61 -0.22 -18.74
CA GLU C 21 7.52 -0.67 -19.79
C GLU C 21 8.47 -1.73 -19.24
N ALA C 22 8.43 -2.91 -19.85
CA ALA C 22 9.33 -3.99 -19.47
C ALA C 22 10.75 -3.61 -19.85
N SER C 23 11.72 -3.99 -19.02
CA SER C 23 13.13 -3.75 -19.34
C SER C 23 13.78 -5.01 -19.91
N GLY C 24 13.16 -6.16 -19.66
CA GLY C 24 13.71 -7.41 -20.12
C GLY C 24 13.06 -8.61 -19.48
N CYS C 25 13.55 -9.80 -19.81
CA CYS C 25 13.05 -11.02 -19.18
C CYS C 25 13.79 -11.23 -17.88
N HIS C 26 13.05 -11.17 -16.78
CA HIS C 26 13.63 -11.27 -15.45
C HIS C 26 12.94 -12.36 -14.66
N TYR C 27 13.75 -13.29 -14.14
CA TYR C 27 13.23 -14.40 -13.34
C TYR C 27 12.19 -15.21 -14.09
N GLY C 28 12.35 -15.30 -15.41
CA GLY C 28 11.51 -16.16 -16.23
C GLY C 28 10.37 -15.43 -16.93
N VAL C 29 10.24 -14.14 -16.68
CA VAL C 29 9.07 -13.37 -17.11
C VAL C 29 9.45 -11.98 -17.59
N LEU C 30 8.73 -11.45 -18.57
CA LEU C 30 8.87 -10.08 -19.00
C LEU C 30 8.41 -9.09 -17.91
N THR C 31 9.32 -8.27 -17.39
CA THR C 31 8.98 -7.34 -16.32
C THR C 31 9.75 -6.00 -16.41
N CYS C 32 9.21 -4.97 -15.77
CA CYS C 32 9.92 -3.72 -15.56
C CYS C 32 10.98 -3.90 -14.46
N GLY C 33 11.94 -2.98 -14.39
CA GLY C 33 13.02 -3.08 -13.42
C GLY C 33 12.53 -3.11 -11.98
N SER C 34 11.54 -2.28 -11.67
CA SER C 34 11.03 -2.14 -10.31
C SER C 34 10.40 -3.43 -9.81
N CYS C 35 9.67 -4.11 -10.70
CA CYS C 35 9.04 -5.36 -10.33
C CYS C 35 10.08 -6.47 -10.18
N LYS C 36 11.13 -6.42 -11.01
CA LYS C 36 12.20 -7.40 -10.94
C LYS C 36 12.80 -7.43 -9.54
N VAL C 37 13.20 -6.26 -9.06
CA VAL C 37 13.86 -6.17 -7.77
C VAL C 37 12.87 -6.33 -6.62
N PHE C 38 11.60 -6.00 -6.86
CA PHE C 38 10.59 -6.19 -5.83
C PHE C 38 10.45 -7.67 -5.53
N PHE C 39 10.34 -8.45 -6.60
CA PHE C 39 10.16 -9.88 -6.47
C PHE C 39 11.33 -10.53 -5.72
N LYS C 40 12.55 -10.31 -6.23
CA LYS C 40 13.76 -10.80 -5.58
C LYS C 40 13.80 -10.43 -4.10
N ARG C 41 13.41 -9.20 -3.78
CA ARG C 41 13.32 -8.81 -2.39
C ARG C 41 12.17 -9.54 -1.66
N ALA C 42 11.05 -9.75 -2.33
CA ALA C 42 9.93 -10.43 -1.67
C ALA C 42 10.21 -11.92 -1.39
N VAL C 43 10.96 -12.58 -2.27
CA VAL C 43 11.19 -14.03 -2.12
C VAL C 43 12.33 -14.38 -1.19
N GLU C 44 13.14 -13.37 -0.84
CA GLU C 44 14.30 -13.61 -0.01
C GLU C 44 14.07 -13.18 1.43
N GLY C 45 13.37 -12.08 1.62
CA GLY C 45 13.19 -11.53 2.95
C GLY C 45 11.90 -11.95 3.63
N GLN C 46 11.78 -11.64 4.91
CA GLN C 46 10.53 -11.80 5.64
C GLN C 46 9.81 -10.46 5.66
N HIS C 47 8.53 -10.48 5.32
CA HIS C 47 7.79 -9.23 5.11
C HIS C 47 6.38 -9.28 5.70
N ASN C 48 5.81 -10.42 6.01
CA ASN C 48 4.57 -10.81 5.47
C ASN C 48 3.61 -9.62 5.26
N TYR C 49 3.12 -9.62 4.04
CA TYR C 49 2.28 -8.61 3.42
C TYR C 49 0.81 -8.89 3.69
N LEU C 50 0.04 -7.83 3.92
CA LEU C 50 -1.41 -7.97 4.07
C LEU C 50 -2.15 -7.04 3.11
N CYS C 51 -3.09 -7.61 2.35
CA CYS C 51 -3.94 -6.81 1.46
C CYS C 51 -5.01 -6.10 2.30
N ALA C 52 -5.24 -4.82 2.04
CA ALA C 52 -6.26 -4.05 2.77
C ALA C 52 -7.59 -4.02 2.03
N GLY C 53 -7.61 -4.58 0.81
CA GLY C 53 -8.83 -4.69 0.03
C GLY C 53 -9.36 -6.12 -0.04
N ARG C 54 -9.54 -6.64 -1.24
CA ARG C 54 -10.08 -7.99 -1.40
C ARG C 54 -9.18 -8.91 -2.24
N ASN C 55 -7.88 -8.89 -1.94
CA ASN C 55 -6.88 -9.68 -2.65
C ASN C 55 -6.94 -9.52 -4.18
N ASP C 56 -7.44 -8.38 -4.66
CA ASP C 56 -7.55 -8.16 -6.10
C ASP C 56 -7.22 -6.71 -6.43
N CYS C 57 -6.24 -6.16 -5.74
CA CYS C 57 -5.90 -4.76 -5.91
C CYS C 57 -5.34 -4.49 -7.32
N ILE C 58 -5.58 -3.29 -7.82
CA ILE C 58 -5.08 -2.89 -9.13
C ILE C 58 -3.59 -2.55 -9.08
N ILE C 59 -2.79 -3.35 -9.77
CA ILE C 59 -1.35 -3.18 -9.80
C ILE C 59 -0.89 -2.56 -11.12
N ASP C 60 -0.87 -1.23 -11.17
CA ASP C 60 -0.32 -0.51 -12.30
C ASP C 60 0.81 0.39 -11.80
N LYS C 61 1.37 1.20 -12.68
CA LYS C 61 2.55 1.99 -12.34
C LYS C 61 2.28 2.90 -11.14
N ILE C 62 1.05 3.41 -11.09
CA ILE C 62 0.64 4.32 -10.04
C ILE C 62 0.43 3.60 -8.72
N ARG C 63 -0.23 2.45 -8.77
CA ARG C 63 -0.74 1.84 -7.56
C ARG C 63 0.05 0.65 -7.05
N ARG C 64 1.06 0.21 -7.79
CA ARG C 64 1.76 -1.02 -7.45
C ARG C 64 2.36 -1.03 -6.05
N LYS C 65 2.71 0.12 -5.49
CA LYS C 65 3.33 0.06 -4.18
C LYS C 65 2.30 0.15 -3.05
N ASN C 66 1.03 0.35 -3.39
CA ASN C 66 -0.06 0.27 -2.40
C ASN C 66 -0.16 -1.12 -1.79
N CYS C 67 -0.06 -2.13 -2.63
CA CYS C 67 -0.29 -3.49 -2.15
C CYS C 67 0.79 -4.45 -2.60
N PRO C 68 1.88 -4.54 -1.81
CA PRO C 68 2.90 -5.58 -1.97
C PRO C 68 2.29 -6.98 -2.05
N ALA C 69 1.30 -7.26 -1.21
CA ALA C 69 0.67 -8.57 -1.19
C ALA C 69 0.12 -8.95 -2.56
N CYS C 70 -0.63 -8.03 -3.15
CA CYS C 70 -1.21 -8.26 -4.46
C CYS C 70 -0.17 -8.18 -5.58
N ARG C 71 0.88 -7.39 -5.40
CA ARG C 71 1.96 -7.33 -6.39
C ARG C 71 2.71 -8.65 -6.39
N TYR C 72 3.02 -9.15 -5.19
CA TYR C 72 3.69 -10.44 -5.04
C TYR C 72 2.91 -11.58 -5.70
N ARG C 73 1.61 -11.62 -5.43
CA ARG C 73 0.74 -12.61 -6.03
C ARG C 73 0.75 -12.52 -7.55
N LYS C 74 0.71 -11.31 -8.11
CA LYS C 74 0.74 -11.14 -9.56
C LYS C 74 2.08 -11.62 -10.14
N CYS C 75 3.15 -11.36 -9.39
CA CYS C 75 4.49 -11.88 -9.71
C CYS C 75 4.49 -13.40 -9.82
N LEU C 76 3.86 -14.05 -8.86
CA LEU C 76 3.77 -15.51 -8.87
C LEU C 76 2.92 -16.00 -10.03
N GLN C 77 1.76 -15.38 -10.23
CA GLN C 77 0.83 -15.84 -11.24
C GLN C 77 1.39 -15.67 -12.66
N ALA C 78 2.28 -14.71 -12.84
CA ALA C 78 2.93 -14.55 -14.14
C ALA C 78 4.02 -15.61 -14.29
N GLY C 79 4.42 -16.22 -13.17
CA GLY C 79 5.36 -17.33 -13.21
C GLY C 79 6.79 -16.99 -12.84
N MET C 80 6.98 -15.85 -12.16
CA MET C 80 8.34 -15.45 -11.78
C MET C 80 8.93 -16.43 -10.78
N ASN C 81 10.23 -16.70 -10.94
CA ASN C 81 10.91 -17.64 -10.06
C ASN C 81 12.42 -17.49 -10.21
N LEU C 82 13.14 -17.80 -9.13
CA LEU C 82 14.56 -17.50 -9.06
C LEU C 82 15.47 -18.37 -9.94
N GLU C 83 15.18 -19.67 -10.01
CA GLU C 83 16.03 -20.64 -10.72
C GLU C 83 17.43 -20.69 -10.11
N1 5CM D 7 22.18 3.04 -4.02
C2 5CM D 7 20.81 2.89 -4.52
N3 5CM D 7 19.92 1.91 -3.92
C4 5CM D 7 20.35 1.11 -2.84
C5 5CM D 7 21.71 1.26 -2.33
C5A 5CM D 7 22.19 0.41 -1.18
C6 5CM D 7 22.62 2.24 -2.93
O2 5CM D 7 20.44 3.58 -5.45
N4 5CM D 7 19.48 0.17 -2.25
C1' 5CM D 7 23.01 3.90 -4.56
C2' 5CM D 7 23.35 5.08 -3.68
C3' 5CM D 7 24.57 5.44 -4.03
C4' 5CM D 7 25.19 4.22 -4.91
O4' 5CM D 7 24.40 3.22 -4.76
O3' 5CM D 7 24.57 6.61 -4.89
C5' 5CM D 7 26.58 3.89 -4.44
O5' 5CM D 7 26.55 3.42 -3.12
P 5CM D 7 27.66 2.38 -2.69
OP1 5CM D 7 29.04 2.96 -2.87
OP2 5CM D 7 27.42 1.92 -1.27
N1 5CM D 16 11.51 15.20 20.60
C2 5CM D 16 10.62 16.05 19.81
N3 5CM D 16 9.18 15.82 19.84
C4 5CM D 16 8.63 14.79 20.63
C5 5CM D 16 9.52 13.94 21.42
C5A 5CM D 16 8.96 12.83 22.28
C6 5CM D 16 10.97 14.16 21.39
O2 5CM D 16 11.09 16.94 19.12
N4 5CM D 16 7.24 14.58 20.65
C1' 5CM D 16 12.79 15.39 20.55
C2' 5CM D 16 13.44 15.89 21.84
C3' 5CM D 16 14.68 15.43 21.78
C4' 5CM D 16 14.68 14.17 20.73
O4' 5CM D 16 13.47 14.00 20.33
O3' 5CM D 16 15.59 16.42 21.25
C5' 5CM D 16 15.17 12.91 21.40
O5' 5CM D 16 14.26 12.52 22.40
P 5CM D 16 14.28 10.99 22.79
OP1 5CM D 16 15.64 10.59 23.30
OP2 5CM D 16 13.20 10.64 23.78
ZN ZN E . -3.50 5.07 14.23
ZN ZN F . -8.06 2.12 -0.26
ZN ZN G . 6.31 -3.98 -13.35
ZN ZN H . -4.32 -6.02 -2.30
#